data_4B7J
#
_entry.id   4B7J
#
_cell.length_a   118.550
_cell.length_b   118.550
_cell.length_c   67.780
_cell.angle_alpha   90.00
_cell.angle_beta   90.00
_cell.angle_gamma   90.00
#
_symmetry.space_group_name_H-M   'P 4 21 2'
#
loop_
_entity.id
_entity.type
_entity.pdbx_description
1 polymer NEURAMINIDASE
2 non-polymer 2-acetamido-2-deoxy-beta-D-glucopyranose
3 non-polymer 'CALCIUM ION'
4 non-polymer '(3R,4R,5S)-4-(acetylamino)-5-amino-3-(pentan-3-yloxy)cyclohex-1-ene-1-carboxylic acid'
5 water water
#
_entity_poly.entity_id   1
_entity_poly.type   'polypeptide(L)'
_entity_poly.pdbx_seq_one_letter_code
;MNPNQKIITIGSVCMTIGMANLILQIGNIISIWISHSIQLGNQNQIETCNQSVITYENNTWVNQTYVNISNTNFAAGQSV
VSVKLAGNSSLCPVSGWAIYSKDNSIRIGSKGDVFVIREPFISCSPLECRTFFLTQGALLNDKHSNGTIKDRSPYRTLMS
CPIGEVPSPYNSRFESVAWSASACHDGINWLTIGISGPDNGAVAVLKYNGIITDTIKSWRNNRLRTQESECACVNGSCFT
VMTDGPSDGQASYKIFRIEKGKIVKSVEMNAPNYHYEECSCYPDSSEITCVCRDNWHGSNRPWVSFNQNLEYQIGYICSG
IFGDNPRPNDKTGSCGPVSSNGANGVKGFSFKYGNGVWIGRTKSISSRNGFEMIWDPNGWTGTDNDFSIKQDIVGINEWS
GYSGSFVQHPELTGLDCIRPCFWVELIRGRPKENTIWTSGSSISFCGVNSDTVGWSWPDGAELPFTIDK
;
_entity_poly.pdbx_strand_id   A
#
# COMPACT_ATOMS: atom_id res chain seq x y z
N VAL A 83 1.27 25.25 6.24
CA VAL A 83 2.43 24.95 7.08
C VAL A 83 2.78 23.48 6.98
N LYS A 84 4.08 23.17 7.05
CA LYS A 84 4.56 21.80 6.88
C LYS A 84 4.20 20.90 8.06
N LEU A 85 3.84 19.65 7.76
CA LEU A 85 3.53 18.66 8.79
C LEU A 85 4.74 18.45 9.70
N ALA A 86 4.50 18.45 11.02
CA ALA A 86 5.60 18.27 11.97
C ALA A 86 6.08 16.81 12.01
N GLY A 87 5.13 15.89 12.05
CA GLY A 87 5.42 14.47 12.06
C GLY A 87 6.13 13.96 13.30
N ASN A 88 6.11 14.74 14.37
CA ASN A 88 6.89 14.40 15.56
C ASN A 88 6.12 13.75 16.71
N SER A 89 4.79 13.71 16.61
CA SER A 89 3.98 13.02 17.60
C SER A 89 3.96 11.53 17.32
N SER A 90 3.59 10.73 18.31
CA SER A 90 3.54 9.28 18.13
C SER A 90 2.17 8.85 17.62
N LEU A 91 2.06 7.59 17.21
CA LEU A 91 0.76 7.05 16.79
C LEU A 91 -0.24 7.11 17.92
N CYS A 92 -1.50 7.39 17.58
CA CYS A 92 -2.59 7.34 18.55
C CYS A 92 -2.84 5.90 18.97
N PRO A 93 -3.12 5.68 20.27
CA PRO A 93 -3.54 4.36 20.71
C PRO A 93 -4.83 3.97 19.98
N VAL A 94 -4.95 2.71 19.60
CA VAL A 94 -6.09 2.26 18.80
C VAL A 94 -6.62 0.91 19.31
N SER A 95 -7.92 0.84 19.55
CA SER A 95 -8.51 -0.40 20.06
C SER A 95 -9.34 -1.11 19.01
N GLY A 96 -9.64 -0.40 17.92
CA GLY A 96 -10.48 -0.95 16.88
C GLY A 96 -10.50 -0.07 15.64
N TRP A 97 -11.16 -0.56 14.59
CA TRP A 97 -11.15 0.14 13.32
C TRP A 97 -12.56 0.48 12.83
N ALA A 98 -12.79 1.78 12.61
CA ALA A 98 -14.07 2.27 12.12
C ALA A 98 -14.03 2.43 10.61
N ILE A 99 -15.06 1.97 9.92
CA ILE A 99 -15.08 2.06 8.47
C ILE A 99 -15.09 3.54 8.07
N TYR A 100 -14.27 3.87 7.07
CA TYR A 100 -14.07 5.27 6.69
C TYR A 100 -14.68 5.54 5.33
N SER A 101 -14.47 4.62 4.39
CA SER A 101 -15.03 4.80 3.05
C SER A 101 -15.21 3.49 2.31
N LYS A 102 -15.96 3.57 1.21
CA LYS A 102 -16.17 2.46 0.29
C LYS A 102 -16.71 3.09 -0.97
N ASP A 103 -16.11 2.79 -2.12
CA ASP A 103 -16.50 3.46 -3.35
C ASP A 103 -17.41 2.64 -4.28
N ASN A 104 -17.49 1.33 -4.07
CA ASN A 104 -18.33 0.47 -4.91
C ASN A 104 -18.03 0.62 -6.40
N SER A 105 -16.75 0.73 -6.73
CA SER A 105 -16.31 1.02 -8.10
C SER A 105 -16.79 0.01 -9.14
N ILE A 106 -16.51 -1.27 -8.90
CA ILE A 106 -16.85 -2.30 -9.89
C ILE A 106 -18.36 -2.36 -10.12
N ARG A 107 -19.12 -2.34 -9.04
CA ARG A 107 -20.58 -2.36 -9.10
C ARG A 107 -21.12 -1.23 -9.98
N ILE A 108 -20.59 -0.03 -9.76
CA ILE A 108 -21.00 1.16 -10.50
C ILE A 108 -20.46 1.17 -11.94
N GLY A 109 -19.22 0.72 -12.10
CA GLY A 109 -18.62 0.63 -13.43
C GLY A 109 -19.32 -0.36 -14.34
N SER A 110 -20.23 -1.15 -13.77
CA SER A 110 -21.01 -2.06 -14.60
C SER A 110 -21.81 -1.27 -15.63
N LYS A 111 -22.17 -0.04 -15.27
CA LYS A 111 -22.85 0.86 -16.20
C LYS A 111 -22.11 2.18 -16.36
N GLY A 112 -21.72 2.79 -15.25
CA GLY A 112 -21.07 4.09 -15.28
C GLY A 112 -19.73 4.08 -15.98
N ASP A 113 -19.16 5.28 -16.14
CA ASP A 113 -17.85 5.42 -16.78
C ASP A 113 -16.75 5.43 -15.72
N VAL A 114 -16.28 4.23 -15.39
CA VAL A 114 -15.33 4.04 -14.30
C VAL A 114 -14.05 3.41 -14.83
N PHE A 115 -12.91 4.00 -14.44
CA PHE A 115 -11.61 3.49 -14.86
C PHE A 115 -11.39 2.07 -14.39
N VAL A 116 -10.82 1.25 -15.29
CA VAL A 116 -10.20 0.01 -14.86
C VAL A 116 -8.95 0.41 -14.09
N ILE A 117 -8.80 -0.10 -12.88
CA ILE A 117 -7.66 0.29 -12.06
C ILE A 117 -7.10 -0.89 -11.26
N ARG A 118 -5.93 -0.67 -10.67
CA ARG A 118 -5.40 -1.55 -9.64
C ARG A 118 -4.41 -0.77 -8.79
N GLU A 119 -3.86 -1.43 -7.78
CA GLU A 119 -3.03 -0.78 -6.77
C GLU A 119 -3.48 0.65 -6.44
N PRO A 120 -4.67 0.77 -5.84
CA PRO A 120 -5.13 2.06 -5.34
C PRO A 120 -4.54 2.33 -3.98
N PHE A 121 -4.57 3.57 -3.53
CA PHE A 121 -4.13 3.90 -2.18
C PHE A 121 -4.62 5.27 -1.77
N ILE A 122 -4.60 5.54 -0.47
CA ILE A 122 -5.15 6.77 0.05
C ILE A 122 -4.06 7.62 0.68
N SER A 123 -4.16 8.93 0.50
CA SER A 123 -3.26 9.86 1.15
C SER A 123 -3.99 11.17 1.40
N CYS A 124 -3.57 11.88 2.44
CA CYS A 124 -4.29 13.04 2.93
C CYS A 124 -3.46 14.30 2.91
N SER A 125 -4.05 15.39 2.44
CA SER A 125 -3.49 16.72 2.59
C SER A 125 -4.09 17.31 3.87
N PRO A 126 -3.61 18.48 4.30
CA PRO A 126 -4.17 19.11 5.51
C PRO A 126 -5.63 19.52 5.33
N LEU A 127 -6.18 19.34 4.14
CA LEU A 127 -7.55 19.75 3.84
C LEU A 127 -8.49 18.62 3.41
N GLU A 128 -7.96 17.60 2.76
CA GLU A 128 -8.78 16.48 2.30
C GLU A 128 -8.01 15.18 2.16
N CYS A 129 -8.76 14.11 1.92
CA CYS A 129 -8.16 12.80 1.70
C CYS A 129 -8.53 12.32 0.30
N ARG A 130 -7.53 11.92 -0.46
CA ARG A 130 -7.76 11.50 -1.84
C ARG A 130 -7.39 10.05 -2.06
N THR A 131 -8.01 9.46 -3.07
CA THR A 131 -7.67 8.11 -3.50
C THR A 131 -6.81 8.19 -4.75
N PHE A 132 -5.62 7.59 -4.69
CA PHE A 132 -4.75 7.48 -5.84
C PHE A 132 -4.91 6.10 -6.44
N PHE A 133 -4.68 5.97 -7.73
CA PHE A 133 -4.83 4.68 -8.41
C PHE A 133 -4.10 4.69 -9.74
N LEU A 134 -3.73 3.49 -10.20
CA LEU A 134 -3.13 3.34 -11.51
C LEU A 134 -4.19 2.86 -12.50
N THR A 135 -4.53 3.71 -13.45
CA THR A 135 -5.46 3.32 -14.49
C THR A 135 -4.77 2.38 -15.47
N GLN A 136 -5.57 1.75 -16.33
CA GLN A 136 -5.05 0.96 -17.43
C GLN A 136 -5.42 1.67 -18.74
N GLY A 137 -5.81 2.94 -18.62
CA GLY A 137 -6.22 3.73 -19.78
C GLY A 137 -7.46 3.17 -20.44
N ALA A 138 -8.36 2.61 -19.63
CA ALA A 138 -9.57 1.98 -20.14
C ALA A 138 -10.69 2.04 -19.11
N LEU A 139 -11.92 1.89 -19.57
CA LEU A 139 -13.07 1.87 -18.68
C LEU A 139 -13.61 0.45 -18.55
N LEU A 140 -14.20 0.16 -17.40
CA LEU A 140 -14.87 -1.12 -17.18
C LEU A 140 -15.96 -1.35 -18.22
N ASN A 141 -16.17 -2.61 -18.56
CA ASN A 141 -17.21 -3.00 -19.51
C ASN A 141 -16.98 -2.43 -20.92
N ASP A 142 -15.73 -2.15 -21.23
CA ASP A 142 -15.32 -1.76 -22.59
C ASP A 142 -14.26 -2.73 -23.08
N LYS A 143 -14.09 -2.78 -24.40
CA LYS A 143 -13.12 -3.71 -24.99
C LYS A 143 -11.67 -3.43 -24.60
N HIS A 144 -11.33 -2.15 -24.37
CA HIS A 144 -9.95 -1.78 -24.05
C HIS A 144 -9.51 -2.27 -22.66
N SER A 145 -10.48 -2.69 -21.85
CA SER A 145 -10.21 -3.26 -20.55
C SER A 145 -9.57 -4.64 -20.71
N ASN A 146 -9.62 -5.17 -21.92
CA ASN A 146 -9.07 -6.50 -22.21
C ASN A 146 -7.57 -6.62 -21.96
N GLY A 147 -7.18 -7.72 -21.31
CA GLY A 147 -5.77 -7.99 -21.06
C GLY A 147 -5.18 -7.18 -19.94
N THR A 148 -6.04 -6.64 -19.07
CA THR A 148 -5.59 -5.75 -18.00
C THR A 148 -4.94 -6.50 -16.84
N ILE A 149 -4.82 -7.82 -16.98
CA ILE A 149 -4.05 -8.62 -16.03
C ILE A 149 -2.60 -8.15 -16.03
N LYS A 150 -2.17 -7.60 -17.17
CA LYS A 150 -0.80 -7.16 -17.39
C LYS A 150 -0.42 -6.01 -16.45
N ASP A 151 0.79 -6.09 -15.88
CA ASP A 151 1.22 -5.12 -14.88
C ASP A 151 1.64 -3.77 -15.44
N ARG A 152 2.52 -3.79 -16.44
CA ARG A 152 3.15 -2.56 -16.92
C ARG A 152 2.89 -2.31 -18.41
N SER A 153 2.68 -1.04 -18.75
CA SER A 153 2.45 -0.65 -20.13
C SER A 153 2.45 0.87 -20.22
N PRO A 154 2.58 1.40 -21.44
CA PRO A 154 2.62 2.86 -21.64
C PRO A 154 1.27 3.54 -21.38
N TYR A 155 0.19 2.78 -21.37
CA TYR A 155 -1.15 3.36 -21.20
C TYR A 155 -1.50 3.67 -19.74
N ARG A 156 -0.84 2.99 -18.81
CA ARG A 156 -1.14 3.17 -17.39
C ARG A 156 -0.76 4.57 -16.89
N THR A 157 -1.63 5.15 -16.06
CA THR A 157 -1.38 6.47 -15.51
C THR A 157 -1.78 6.56 -14.03
N LEU A 158 -1.10 7.44 -13.30
CA LEU A 158 -1.46 7.72 -11.92
C LEU A 158 -2.48 8.85 -11.87
N MET A 159 -3.65 8.56 -11.31
CA MET A 159 -4.70 9.55 -11.14
C MET A 159 -5.27 9.53 -9.72
N SER A 160 -6.00 10.59 -9.35
CA SER A 160 -6.61 10.66 -8.03
C SER A 160 -8.01 11.30 -8.07
N CYS A 161 -8.85 10.89 -7.13
CA CYS A 161 -10.16 11.48 -6.95
C CYS A 161 -10.43 11.56 -5.46
N PRO A 162 -11.51 12.25 -5.05
CA PRO A 162 -11.83 12.34 -3.62
C PRO A 162 -12.13 10.96 -3.05
N ILE A 163 -11.78 10.76 -1.78
CA ILE A 163 -11.97 9.46 -1.15
C ILE A 163 -13.44 9.07 -1.13
N GLY A 164 -13.72 7.81 -1.44
CA GLY A 164 -15.07 7.29 -1.40
C GLY A 164 -15.80 7.46 -2.72
N GLU A 165 -15.25 8.29 -3.58
CA GLU A 165 -15.82 8.50 -4.90
C GLU A 165 -15.29 7.49 -5.89
N VAL A 166 -16.07 7.21 -6.91
CA VAL A 166 -15.66 6.30 -7.96
C VAL A 166 -14.55 6.96 -8.78
N PRO A 167 -13.55 6.17 -9.22
CA PRO A 167 -12.50 6.72 -10.08
C PRO A 167 -12.99 6.85 -11.52
N SER A 168 -13.35 8.07 -11.90
CA SER A 168 -13.94 8.32 -13.20
C SER A 168 -13.18 9.41 -13.96
N PRO A 169 -13.21 9.33 -15.30
CA PRO A 169 -12.63 10.39 -16.13
C PRO A 169 -13.28 11.75 -15.87
N TYR A 170 -14.45 11.75 -15.25
CA TYR A 170 -15.20 12.99 -15.07
C TYR A 170 -14.97 13.60 -13.68
N ASN A 171 -14.31 12.86 -12.80
CA ASN A 171 -14.07 13.33 -11.45
C ASN A 171 -12.65 13.08 -10.96
N SER A 172 -11.79 12.62 -11.85
CA SER A 172 -10.43 12.29 -11.46
C SER A 172 -9.41 13.28 -12.01
N ARG A 173 -8.40 13.55 -11.20
CA ARG A 173 -7.35 14.46 -11.58
C ARG A 173 -6.15 13.64 -12.05
N PHE A 174 -5.50 14.09 -13.11
CA PHE A 174 -4.32 13.41 -13.64
C PHE A 174 -3.06 13.81 -12.88
N GLU A 175 -2.29 12.80 -12.45
CA GLU A 175 -1.08 13.04 -11.66
C GLU A 175 0.20 12.77 -12.46
N SER A 176 0.30 11.60 -13.05
CA SER A 176 1.53 11.20 -13.72
C SER A 176 1.35 9.93 -14.56
N VAL A 177 2.23 9.75 -15.55
CA VAL A 177 2.24 8.52 -16.34
C VAL A 177 3.05 7.48 -15.60
N ALA A 178 2.42 6.37 -15.23
CA ALA A 178 3.07 5.41 -14.33
C ALA A 178 2.45 4.01 -14.32
N TRP A 179 3.31 2.99 -14.22
CA TRP A 179 2.84 1.65 -13.89
C TRP A 179 3.30 1.26 -12.47
N SER A 180 3.83 2.25 -11.76
CA SER A 180 4.17 2.13 -10.35
C SER A 180 4.28 3.53 -9.77
N ALA A 181 3.82 3.73 -8.54
CA ALA A 181 3.72 5.09 -8.01
C ALA A 181 3.65 5.21 -6.49
N SER A 182 3.90 6.43 -6.02
CA SER A 182 3.72 6.81 -4.62
C SER A 182 3.30 8.27 -4.61
N ALA A 183 2.68 8.70 -3.51
CA ALA A 183 2.28 10.10 -3.37
C ALA A 183 2.13 10.46 -1.91
N CYS A 184 2.29 11.74 -1.61
CA CYS A 184 2.14 12.23 -0.24
C CYS A 184 2.21 13.74 -0.18
N HIS A 185 1.55 14.31 0.82
CA HIS A 185 1.49 15.76 0.98
C HIS A 185 2.31 16.19 2.19
N ASP A 186 3.25 17.10 1.98
CA ASP A 186 4.10 17.55 3.07
C ASP A 186 3.49 18.70 3.87
N GLY A 187 2.22 18.99 3.62
CA GLY A 187 1.55 20.09 4.28
C GLY A 187 1.47 21.34 3.42
N ILE A 188 2.43 21.49 2.51
CA ILE A 188 2.43 22.59 1.56
C ILE A 188 1.85 22.16 0.20
N ASN A 189 2.45 21.13 -0.39
CA ASN A 189 2.00 20.66 -1.70
C ASN A 189 2.10 19.16 -1.89
N TRP A 190 1.46 18.66 -2.94
CA TRP A 190 1.49 17.24 -3.25
C TRP A 190 2.80 16.83 -3.91
N LEU A 191 3.40 15.76 -3.41
CA LEU A 191 4.49 15.11 -4.10
C LEU A 191 3.94 13.83 -4.71
N THR A 192 4.16 13.64 -6.01
CA THR A 192 3.80 12.37 -6.65
C THR A 192 5.02 11.77 -7.32
N ILE A 193 5.11 10.43 -7.28
CA ILE A 193 6.20 9.71 -7.91
C ILE A 193 5.63 8.69 -8.89
N GLY A 194 5.91 8.88 -10.17
CA GLY A 194 5.40 8.00 -11.20
C GLY A 194 6.51 7.36 -12.01
N ILE A 195 6.54 6.03 -12.01
CA ILE A 195 7.54 5.30 -12.77
C ILE A 195 6.97 4.77 -14.08
N SER A 196 7.62 5.12 -15.19
CA SER A 196 7.22 4.61 -16.49
C SER A 196 8.47 4.28 -17.32
N GLY A 197 8.25 3.83 -18.55
CA GLY A 197 9.35 3.43 -19.40
C GLY A 197 9.50 1.93 -19.46
N PRO A 198 10.57 1.44 -20.11
CA PRO A 198 10.80 0.01 -20.35
C PRO A 198 11.29 -0.73 -19.10
N ASP A 199 11.09 -2.04 -19.09
CA ASP A 199 11.49 -2.85 -17.94
C ASP A 199 12.97 -2.75 -17.61
N ASN A 200 13.79 -2.44 -18.60
CA ASN A 200 15.24 -2.42 -18.43
C ASN A 200 15.82 -1.01 -18.33
N GLY A 201 14.97 -0.01 -18.06
CA GLY A 201 15.44 1.35 -17.93
C GLY A 201 14.37 2.33 -17.49
N ALA A 202 13.49 1.88 -16.62
CA ALA A 202 12.38 2.71 -16.16
C ALA A 202 12.87 3.97 -15.45
N VAL A 203 12.10 5.04 -15.58
CA VAL A 203 12.44 6.30 -14.94
C VAL A 203 11.32 6.77 -14.04
N ALA A 204 11.67 7.15 -12.82
CA ALA A 204 10.70 7.70 -11.90
C ALA A 204 10.70 9.21 -12.06
N VAL A 205 9.52 9.77 -12.30
CA VAL A 205 9.37 11.20 -12.44
C VAL A 205 8.77 11.77 -11.16
N LEU A 206 9.47 12.70 -10.52
CA LEU A 206 8.96 13.34 -9.31
C LEU A 206 8.27 14.65 -9.65
N LYS A 207 7.02 14.80 -9.23
CA LYS A 207 6.31 16.05 -9.39
C LYS A 207 5.96 16.67 -8.04
N TYR A 208 6.15 17.99 -7.94
CA TYR A 208 5.78 18.73 -6.75
C TYR A 208 4.80 19.81 -7.20
N ASN A 209 3.56 19.72 -6.71
CA ASN A 209 2.52 20.65 -7.12
C ASN A 209 2.31 20.61 -8.62
N GLY A 210 2.44 19.42 -9.20
CA GLY A 210 2.16 19.22 -10.62
C GLY A 210 3.30 19.54 -11.56
N ILE A 211 4.43 19.98 -11.02
CA ILE A 211 5.59 20.35 -11.82
C ILE A 211 6.71 19.34 -11.63
N ILE A 212 7.30 18.88 -12.74
CA ILE A 212 8.41 17.94 -12.66
C ILE A 212 9.60 18.59 -11.95
N THR A 213 10.05 17.96 -10.88
CA THR A 213 11.12 18.53 -10.07
C THR A 213 12.37 17.65 -10.05
N ASP A 214 12.23 16.41 -10.51
CA ASP A 214 13.35 15.47 -10.48
C ASP A 214 13.00 14.14 -11.12
N THR A 215 14.04 13.38 -11.46
CA THR A 215 13.86 12.03 -11.99
C THR A 215 14.93 11.10 -11.42
N ILE A 216 14.65 9.80 -11.42
CA ILE A 216 15.63 8.78 -11.07
C ILE A 216 15.48 7.61 -12.04
N LYS A 217 16.59 7.19 -12.64
CA LYS A 217 16.53 6.05 -13.54
C LYS A 217 16.90 4.75 -12.82
N SER A 218 16.36 3.65 -13.32
CA SER A 218 16.70 2.31 -12.84
C SER A 218 18.20 2.19 -12.68
N TRP A 219 18.65 1.63 -11.56
CA TRP A 219 20.08 1.44 -11.35
C TRP A 219 20.48 -0.03 -11.48
N ARG A 220 19.49 -0.90 -11.67
CA ARG A 220 19.75 -2.32 -11.85
C ARG A 220 19.07 -2.82 -13.13
N ASN A 221 18.36 -1.91 -13.81
CA ASN A 221 17.74 -2.21 -15.08
C ASN A 221 16.79 -3.41 -15.03
N ASN A 222 16.05 -3.53 -13.93
CA ASN A 222 15.10 -4.62 -13.77
C ASN A 222 13.84 -4.17 -13.03
N ARG A 223 12.97 -3.46 -13.75
CA ARG A 223 11.67 -3.04 -13.23
C ARG A 223 11.75 -2.19 -11.96
N LEU A 224 12.38 -1.02 -12.06
CA LEU A 224 12.37 -0.04 -10.99
C LEU A 224 10.94 0.16 -10.51
N ARG A 225 10.71 -0.06 -9.21
CA ARG A 225 9.35 -0.01 -8.68
C ARG A 225 9.32 0.62 -7.28
N THR A 226 8.13 1.01 -6.83
CA THR A 226 8.04 1.68 -5.53
C THR A 226 6.80 1.26 -4.72
N GLN A 227 6.44 2.07 -3.72
CA GLN A 227 5.50 1.67 -2.68
C GLN A 227 4.13 1.16 -3.12
N GLU A 228 3.48 1.87 -4.03
CA GLU A 228 2.07 1.64 -4.35
C GLU A 228 1.20 2.04 -3.15
N SER A 229 1.73 2.95 -2.33
CA SER A 229 0.99 3.56 -1.24
C SER A 229 1.65 4.88 -0.89
N GLU A 230 1.12 5.58 0.11
CA GLU A 230 1.57 6.93 0.39
C GLU A 230 3.00 6.94 0.93
N CYS A 231 3.77 7.94 0.55
CA CYS A 231 5.08 8.11 1.16
C CYS A 231 4.91 8.81 2.50
N ALA A 232 5.97 8.87 3.28
CA ALA A 232 5.84 9.42 4.62
C ALA A 232 6.54 10.77 4.69
N CYS A 233 5.88 11.74 5.31
CA CYS A 233 6.43 13.08 5.43
C CYS A 233 6.68 13.47 6.87
N VAL A 234 7.83 14.08 7.12
CA VAL A 234 8.19 14.55 8.45
C VAL A 234 8.96 15.86 8.36
N ASN A 235 8.45 16.89 9.02
CA ASN A 235 9.18 18.16 9.12
C ASN A 235 9.66 18.71 7.78
N GLY A 236 8.82 18.61 6.76
CA GLY A 236 9.15 19.21 5.47
C GLY A 236 9.90 18.28 4.52
N SER A 237 10.12 17.04 4.94
CA SER A 237 10.75 16.06 4.06
C SER A 237 9.86 14.84 3.86
N CYS A 238 9.89 14.29 2.66
CA CYS A 238 9.10 13.11 2.35
C CYS A 238 10.02 11.94 2.04
N PHE A 239 9.63 10.76 2.49
CA PHE A 239 10.48 9.59 2.35
C PHE A 239 9.76 8.47 1.62
N THR A 240 10.48 7.79 0.74
CA THR A 240 9.94 6.62 0.07
C THR A 240 11.02 5.56 -0.05
N VAL A 241 10.60 4.35 -0.42
CA VAL A 241 11.53 3.26 -0.66
C VAL A 241 11.32 2.70 -2.05
N MET A 242 12.42 2.44 -2.75
CA MET A 242 12.34 1.91 -4.11
C MET A 242 13.17 0.63 -4.27
N THR A 243 12.74 -0.20 -5.21
CA THR A 243 13.36 -1.50 -5.44
C THR A 243 13.67 -1.76 -6.92
N ASP A 244 14.87 -2.26 -7.19
CA ASP A 244 15.26 -2.63 -8.53
C ASP A 244 15.98 -3.98 -8.51
N GLY A 245 15.61 -4.87 -9.42
CA GLY A 245 16.19 -6.20 -9.45
C GLY A 245 15.12 -7.29 -9.48
N PRO A 246 15.54 -8.55 -9.29
CA PRO A 246 14.64 -9.72 -9.29
C PRO A 246 13.56 -9.65 -8.23
N SER A 247 12.40 -10.23 -8.51
CA SER A 247 11.30 -10.29 -7.56
C SER A 247 11.20 -11.68 -6.94
N ASP A 248 12.19 -12.52 -7.24
CA ASP A 248 12.22 -13.90 -6.75
C ASP A 248 13.63 -14.26 -6.28
N GLY A 249 14.38 -13.23 -5.89
CA GLY A 249 15.74 -13.39 -5.43
C GLY A 249 16.25 -12.10 -4.84
N GLN A 250 17.50 -12.11 -4.38
CA GLN A 250 18.10 -10.90 -3.83
C GLN A 250 17.95 -9.73 -4.81
N ALA A 251 17.57 -8.56 -4.30
CA ALA A 251 17.48 -7.38 -5.15
C ALA A 251 18.13 -6.17 -4.48
N SER A 252 17.88 -4.99 -5.02
CA SER A 252 18.45 -3.77 -4.49
C SER A 252 17.35 -2.84 -3.99
N TYR A 253 17.54 -2.30 -2.79
CA TYR A 253 16.53 -1.45 -2.17
C TYR A 253 17.15 -0.16 -1.68
N LYS A 254 16.57 0.97 -2.06
CA LYS A 254 17.09 2.28 -1.70
C LYS A 254 16.04 3.11 -0.96
N ILE A 255 16.53 3.89 0.01
CA ILE A 255 15.70 4.84 0.74
C ILE A 255 15.99 6.24 0.24
N PHE A 256 14.95 7.03 0.02
CA PHE A 256 15.14 8.38 -0.49
C PHE A 256 14.59 9.43 0.48
N ARG A 257 15.29 10.56 0.57
CA ARG A 257 14.77 11.73 1.25
C ARG A 257 14.50 12.81 0.21
N ILE A 258 13.29 13.34 0.22
CA ILE A 258 12.85 14.25 -0.83
C ILE A 258 12.31 15.56 -0.25
N GLU A 259 12.72 16.68 -0.84
CA GLU A 259 12.25 17.99 -0.39
C GLU A 259 11.82 18.83 -1.59
N LYS A 260 10.59 19.31 -1.56
CA LYS A 260 10.04 20.05 -2.69
C LYS A 260 10.17 19.22 -3.96
N GLY A 261 9.90 17.92 -3.84
CA GLY A 261 9.97 17.02 -4.98
C GLY A 261 11.38 16.79 -5.50
N LYS A 262 12.37 17.32 -4.78
CA LYS A 262 13.76 17.16 -5.15
C LYS A 262 14.48 16.18 -4.22
N ILE A 263 15.14 15.18 -4.80
CA ILE A 263 15.88 14.19 -4.03
C ILE A 263 17.16 14.79 -3.44
N VAL A 264 17.24 14.82 -2.12
CA VAL A 264 18.36 15.50 -1.46
C VAL A 264 19.30 14.52 -0.74
N LYS A 265 18.83 13.29 -0.58
CA LYS A 265 19.66 12.25 0.00
C LYS A 265 19.07 10.88 -0.30
N SER A 266 19.95 9.91 -0.54
CA SER A 266 19.53 8.53 -0.77
C SER A 266 20.57 7.59 -0.20
N VAL A 267 20.14 6.37 0.14
CA VAL A 267 21.06 5.36 0.62
C VAL A 267 20.59 3.96 0.27
N GLU A 268 21.52 3.10 -0.11
CA GLU A 268 21.17 1.71 -0.40
C GLU A 268 21.11 0.92 0.89
N MET A 269 20.07 0.10 1.03
CA MET A 269 19.95 -0.74 2.22
C MET A 269 20.87 -1.95 2.14
N ASN A 270 21.67 -2.13 3.19
CA ASN A 270 22.52 -3.31 3.31
C ASN A 270 21.71 -4.45 3.91
N ALA A 271 21.00 -5.18 3.04
CA ALA A 271 20.09 -6.23 3.48
C ALA A 271 20.27 -7.52 2.69
N PRO A 272 21.38 -8.22 2.92
CA PRO A 272 21.60 -9.54 2.34
C PRO A 272 20.58 -10.52 2.92
N ASN A 273 19.87 -11.23 2.04
CA ASN A 273 18.92 -12.27 2.44
C ASN A 273 17.52 -11.71 2.78
N TYR A 274 17.41 -10.38 2.77
CA TYR A 274 16.12 -9.71 2.89
C TYR A 274 15.52 -9.50 1.51
N HIS A 275 14.23 -9.20 1.45
CA HIS A 275 13.58 -8.81 0.20
C HIS A 275 12.45 -7.83 0.48
N TYR A 276 12.51 -6.67 -0.18
CA TYR A 276 11.53 -5.60 0.03
C TYR A 276 10.77 -5.27 -1.25
N GLU A 277 9.45 -5.14 -1.11
CA GLU A 277 8.57 -4.77 -2.21
C GLU A 277 7.42 -3.95 -1.63
N GLU A 278 6.93 -2.98 -2.39
CA GLU A 278 5.68 -2.31 -2.07
C GLU A 278 5.55 -1.94 -0.60
N CYS A 279 6.46 -1.11 -0.13
CA CYS A 279 6.48 -0.77 1.29
C CYS A 279 5.32 0.12 1.71
N SER A 280 4.71 -0.23 2.84
CA SER A 280 3.76 0.64 3.50
C SER A 280 4.49 1.40 4.61
N CYS A 281 4.76 2.68 4.35
CA CYS A 281 5.55 3.49 5.27
C CYS A 281 4.68 4.54 5.95
N TYR A 282 4.98 4.84 7.21
CA TYR A 282 4.26 5.88 7.95
C TYR A 282 5.18 6.62 8.91
N PRO A 283 4.83 7.87 9.25
CA PRO A 283 5.60 8.67 10.21
C PRO A 283 5.21 8.33 11.64
N ASP A 284 6.16 8.47 12.56
CA ASP A 284 5.93 8.19 13.98
C ASP A 284 7.09 8.76 14.79
N SER A 285 6.81 9.81 15.55
CA SER A 285 7.83 10.44 16.40
C SER A 285 9.08 10.85 15.64
N SER A 286 8.90 11.54 14.52
CA SER A 286 10.00 12.05 13.71
C SER A 286 10.79 10.98 12.95
N GLU A 287 10.32 9.74 12.97
CA GLU A 287 10.98 8.68 12.21
C GLU A 287 9.99 7.90 11.36
N ILE A 288 10.51 7.20 10.35
CA ILE A 288 9.66 6.49 9.40
C ILE A 288 9.76 4.99 9.60
N THR A 289 8.61 4.31 9.56
CA THR A 289 8.56 2.87 9.69
C THR A 289 7.84 2.28 8.48
N CYS A 290 8.48 1.31 7.83
CA CYS A 290 7.94 0.72 6.62
C CYS A 290 7.73 -0.77 6.82
N VAL A 291 6.55 -1.26 6.49
CA VAL A 291 6.29 -2.69 6.50
C VAL A 291 6.05 -3.11 5.07
N CYS A 292 6.76 -4.12 4.62
CA CYS A 292 6.84 -4.39 3.20
C CYS A 292 6.50 -5.83 2.82
N ARG A 293 6.90 -6.23 1.63
CA ARG A 293 6.53 -7.53 1.08
C ARG A 293 7.77 -8.29 0.61
N ASP A 294 8.12 -9.36 1.32
CA ASP A 294 9.17 -10.27 0.88
C ASP A 294 8.57 -11.20 -0.17
N ASN A 295 8.85 -10.95 -1.44
CA ASN A 295 8.30 -11.78 -2.50
C ASN A 295 9.19 -12.97 -2.81
N TRP A 296 10.32 -13.03 -2.14
CA TRP A 296 11.36 -14.00 -2.41
C TRP A 296 11.19 -15.27 -1.60
N HIS A 297 11.27 -15.16 -0.27
CA HIS A 297 11.27 -16.32 0.60
C HIS A 297 10.82 -16.00 2.02
N GLY A 298 9.73 -15.25 2.16
CA GLY A 298 9.27 -14.86 3.48
C GLY A 298 7.76 -14.65 3.61
N SER A 299 7.09 -15.56 4.31
CA SER A 299 5.66 -15.46 4.50
C SER A 299 5.31 -14.57 5.70
N ASN A 300 6.34 -14.05 6.36
CA ASN A 300 6.15 -12.97 7.31
C ASN A 300 6.69 -11.69 6.69
N ARG A 301 6.30 -10.54 7.23
CA ARG A 301 6.63 -9.28 6.58
C ARG A 301 7.94 -8.65 7.06
N PRO A 302 8.74 -8.14 6.11
CA PRO A 302 9.97 -7.39 6.38
C PRO A 302 9.66 -5.95 6.69
N TRP A 303 10.53 -5.29 7.45
CA TRP A 303 10.32 -3.90 7.81
C TRP A 303 11.61 -3.07 7.79
N VAL A 304 11.47 -1.78 7.54
CA VAL A 304 12.59 -0.86 7.58
C VAL A 304 12.16 0.36 8.37
N SER A 305 13.02 0.82 9.28
CA SER A 305 12.75 2.05 9.99
C SER A 305 13.99 2.92 9.93
N PHE A 306 13.80 4.20 9.67
CA PHE A 306 14.92 5.11 9.55
C PHE A 306 14.55 6.49 10.07
N ASN A 307 15.56 7.27 10.46
CA ASN A 307 15.33 8.66 10.83
C ASN A 307 15.52 9.57 9.62
N GLN A 308 15.43 10.88 9.84
CA GLN A 308 15.51 11.83 8.73
C GLN A 308 16.85 11.78 7.98
N ASN A 309 17.91 11.41 8.69
CA ASN A 309 19.21 11.28 8.04
C ASN A 309 19.42 9.93 7.33
N LEU A 310 18.35 9.15 7.24
CA LEU A 310 18.38 7.84 6.56
C LEU A 310 19.26 6.80 7.26
N GLU A 311 19.45 6.98 8.57
CA GLU A 311 20.07 5.97 9.40
C GLU A 311 19.00 4.95 9.76
N TYR A 312 19.14 3.73 9.25
CA TYR A 312 18.04 2.77 9.27
C TYR A 312 18.28 1.49 10.10
N GLN A 313 17.20 0.76 10.33
CA GLN A 313 17.25 -0.59 10.89
C GLN A 313 16.34 -1.50 10.06
N ILE A 314 16.69 -2.78 9.98
CA ILE A 314 15.86 -3.72 9.27
C ILE A 314 15.53 -4.94 10.13
N GLY A 315 14.54 -5.71 9.67
CA GLY A 315 14.14 -6.93 10.35
C GLY A 315 12.87 -7.48 9.76
N TYR A 316 12.36 -8.53 10.37
CA TYR A 316 11.07 -9.11 9.99
C TYR A 316 10.17 -9.14 11.21
N ILE A 317 8.88 -8.93 11.00
CA ILE A 317 7.90 -9.06 12.08
C ILE A 317 7.96 -10.48 12.63
N CYS A 318 8.14 -10.59 13.95
CA CYS A 318 8.42 -11.87 14.59
C CYS A 318 7.20 -12.75 14.83
N SER A 319 6.04 -12.11 15.01
CA SER A 319 4.80 -12.80 15.36
C SER A 319 4.57 -14.10 14.60
N GLY A 320 4.01 -15.08 15.29
CA GLY A 320 3.58 -16.32 14.67
C GLY A 320 2.31 -16.10 13.89
N ILE A 321 1.74 -14.90 14.00
CA ILE A 321 0.62 -14.50 13.15
C ILE A 321 1.17 -13.95 11.83
N PHE A 322 1.43 -14.85 10.89
CA PHE A 322 2.04 -14.47 9.61
C PHE A 322 1.16 -13.49 8.82
N GLY A 323 1.77 -12.41 8.33
CA GLY A 323 1.03 -11.33 7.72
C GLY A 323 0.92 -11.33 6.20
N ASP A 324 1.71 -12.13 5.52
CA ASP A 324 1.71 -12.17 4.06
C ASP A 324 0.74 -13.23 3.51
N ASN A 325 0.59 -13.23 2.19
CA ASN A 325 -0.25 -14.20 1.49
C ASN A 325 0.39 -14.52 0.14
N PRO A 326 0.61 -15.82 -0.15
CA PRO A 326 0.24 -16.94 0.71
C PRO A 326 1.12 -17.06 1.94
N ARG A 327 0.80 -18.01 2.81
CA ARG A 327 1.52 -18.24 4.05
C ARG A 327 1.17 -19.63 4.58
N PRO A 328 1.85 -20.08 5.64
CA PRO A 328 1.44 -21.32 6.32
C PRO A 328 0.42 -21.00 7.42
N ASN A 329 -0.21 -22.02 7.98
CA ASN A 329 -1.05 -21.83 9.16
C ASN A 329 -0.23 -21.23 10.29
N ASP A 330 -0.88 -20.51 11.19
CA ASP A 330 -0.16 -19.88 12.30
C ASP A 330 0.53 -20.90 13.20
N LYS A 331 1.78 -20.61 13.55
CA LYS A 331 2.57 -21.45 14.44
C LYS A 331 3.65 -20.55 15.04
N THR A 332 4.77 -21.13 15.44
CA THR A 332 5.89 -20.34 15.95
C THR A 332 6.55 -19.55 14.82
N GLY A 333 6.75 -18.26 15.05
CA GLY A 333 7.29 -17.38 14.03
C GLY A 333 8.81 -17.28 14.06
N SER A 334 9.34 -16.32 13.32
CA SER A 334 10.77 -16.11 13.23
C SER A 334 11.09 -14.62 13.10
N CYS A 335 12.26 -14.22 13.58
CA CYS A 335 12.72 -12.86 13.39
C CYS A 335 13.46 -12.71 12.05
N GLY A 336 13.50 -13.81 11.30
CA GLY A 336 14.02 -13.80 9.95
C GLY A 336 12.95 -14.26 8.98
N PRO A 337 13.25 -14.25 7.68
CA PRO A 337 12.24 -14.63 6.69
C PRO A 337 11.73 -16.06 6.91
N VAL A 338 10.42 -16.23 7.08
CA VAL A 338 9.85 -17.55 7.22
C VAL A 338 9.77 -18.21 5.85
N SER A 339 10.70 -19.10 5.57
CA SER A 339 10.83 -19.72 4.24
C SER A 339 9.58 -20.46 3.80
N SER A 340 8.87 -21.09 4.75
CA SER A 340 7.70 -21.88 4.41
C SER A 340 6.62 -21.04 3.74
N ASN A 341 6.20 -21.45 2.55
CA ASN A 341 5.25 -20.69 1.75
C ASN A 341 5.70 -19.23 1.57
N GLY A 342 7.00 -19.03 1.43
CA GLY A 342 7.59 -17.70 1.38
C GLY A 342 7.69 -17.10 -0.01
N ALA A 343 7.46 -17.91 -1.04
CA ALA A 343 7.50 -17.42 -2.41
C ALA A 343 6.24 -16.61 -2.72
N ASN A 344 6.38 -15.63 -3.61
CA ASN A 344 5.30 -14.71 -3.96
C ASN A 344 4.91 -13.81 -2.78
N GLY A 345 3.65 -13.37 -2.75
CA GLY A 345 3.20 -12.49 -1.69
C GLY A 345 2.11 -11.53 -2.12
N VAL A 346 1.83 -10.55 -1.26
CA VAL A 346 0.87 -9.51 -1.56
C VAL A 346 1.22 -8.29 -0.73
N LYS A 347 1.05 -7.10 -1.30
CA LYS A 347 1.32 -5.87 -0.57
C LYS A 347 0.48 -5.82 0.69
N GLY A 348 1.10 -5.50 1.82
CA GLY A 348 0.40 -5.38 3.08
C GLY A 348 0.98 -4.28 3.96
N PHE A 349 0.60 -4.29 5.23
CA PHE A 349 1.07 -3.29 6.18
C PHE A 349 0.95 -3.82 7.61
N SER A 350 1.40 -3.00 8.55
CA SER A 350 1.28 -3.29 9.98
C SER A 350 1.69 -2.06 10.78
N PHE A 351 1.16 -1.93 11.99
CA PHE A 351 1.51 -0.80 12.84
C PHE A 351 2.20 -1.24 14.12
N LYS A 352 3.38 -0.68 14.36
CA LYS A 352 4.18 -1.04 15.52
C LYS A 352 3.83 -0.17 16.72
N TYR A 353 3.49 -0.81 17.83
CA TYR A 353 3.31 -0.15 19.11
C TYR A 353 4.14 -0.89 20.15
N GLY A 354 5.30 -0.31 20.49
CA GLY A 354 6.22 -0.98 21.39
C GLY A 354 6.60 -2.34 20.82
N ASN A 355 6.41 -3.37 21.62
CA ASN A 355 6.69 -4.74 21.17
C ASN A 355 5.49 -5.34 20.45
N GLY A 356 4.38 -4.60 20.47
CA GLY A 356 3.13 -5.05 19.89
C GLY A 356 2.94 -4.61 18.46
N VAL A 357 2.06 -5.30 17.74
CA VAL A 357 1.82 -5.01 16.34
C VAL A 357 0.35 -5.14 15.93
N TRP A 358 -0.13 -4.19 15.14
CA TRP A 358 -1.41 -4.31 14.48
C TRP A 358 -1.18 -4.91 13.09
N ILE A 359 -1.71 -6.11 12.87
CA ILE A 359 -1.47 -6.83 11.63
C ILE A 359 -2.73 -6.89 10.78
N GLY A 360 -2.64 -6.37 9.56
CA GLY A 360 -3.72 -6.54 8.61
C GLY A 360 -3.34 -7.65 7.65
N ARG A 361 -4.26 -8.57 7.39
CA ARG A 361 -3.94 -9.67 6.49
C ARG A 361 -5.17 -10.35 5.92
N THR A 362 -4.95 -11.10 4.84
CA THR A 362 -6.01 -11.91 4.25
C THR A 362 -6.43 -12.99 5.23
N LYS A 363 -7.68 -13.44 5.13
CA LYS A 363 -8.15 -14.55 5.96
C LYS A 363 -7.62 -15.87 5.44
N SER A 364 -7.48 -15.96 4.12
CA SER A 364 -6.98 -17.18 3.50
C SER A 364 -5.45 -17.19 3.53
N ILE A 365 -4.87 -18.38 3.63
CA ILE A 365 -3.43 -18.53 3.64
C ILE A 365 -2.90 -18.85 2.24
N SER A 366 -3.82 -19.15 1.32
CA SER A 366 -3.41 -19.52 -0.04
C SER A 366 -3.76 -18.48 -1.10
N SER A 367 -4.90 -17.83 -0.97
CA SER A 367 -5.30 -16.84 -1.97
C SER A 367 -5.67 -15.49 -1.36
N ARG A 368 -6.05 -14.54 -2.19
CA ARG A 368 -6.35 -13.19 -1.72
C ARG A 368 -7.83 -13.03 -1.36
N ASN A 369 -8.26 -13.78 -0.35
CA ASN A 369 -9.63 -13.71 0.14
C ASN A 369 -9.70 -13.27 1.59
N GLY A 370 -10.75 -12.52 1.92
CA GLY A 370 -10.95 -12.06 3.28
C GLY A 370 -9.93 -11.05 3.76
N PHE A 371 -10.20 -10.46 4.91
CA PHE A 371 -9.26 -9.54 5.52
C PHE A 371 -9.65 -9.33 6.98
N GLU A 372 -8.65 -9.15 7.83
CA GLU A 372 -8.87 -9.05 9.26
C GLU A 372 -7.76 -8.23 9.90
N MET A 373 -8.10 -7.51 10.97
CA MET A 373 -7.11 -6.79 11.75
C MET A 373 -6.86 -7.52 13.06
N ILE A 374 -5.58 -7.74 13.38
CA ILE A 374 -5.24 -8.53 14.55
C ILE A 374 -4.21 -7.84 15.42
N TRP A 375 -4.52 -7.71 16.70
CA TRP A 375 -3.61 -7.09 17.65
C TRP A 375 -2.84 -8.13 18.43
N ASP A 376 -1.53 -8.14 18.25
CA ASP A 376 -0.63 -9.00 18.99
C ASP A 376 0.28 -8.11 19.81
N PRO A 377 0.03 -8.04 21.13
CA PRO A 377 0.76 -7.15 22.02
C PRO A 377 2.26 -7.47 22.09
N ASN A 378 2.64 -8.64 21.60
CA ASN A 378 4.06 -9.04 21.62
C ASN A 378 4.56 -9.47 20.24
N GLY A 379 3.80 -9.18 19.20
CA GLY A 379 4.05 -9.72 17.88
C GLY A 379 5.16 -9.09 17.07
N TRP A 380 5.64 -7.91 17.48
CA TRP A 380 6.69 -7.25 16.72
C TRP A 380 8.04 -7.90 16.98
N THR A 381 8.28 -8.28 18.23
CA THR A 381 9.56 -8.81 18.65
C THR A 381 9.50 -10.24 19.17
N GLY A 382 8.28 -10.77 19.32
CA GLY A 382 8.10 -12.12 19.83
C GLY A 382 7.55 -13.06 18.77
N THR A 383 7.91 -14.34 18.86
CA THR A 383 7.55 -15.31 17.84
C THR A 383 6.30 -16.12 18.18
N ASP A 384 5.71 -15.81 19.33
CA ASP A 384 4.48 -16.45 19.78
C ASP A 384 3.36 -16.26 18.75
N ASN A 385 2.47 -17.24 18.66
CA ASN A 385 1.32 -17.13 17.75
C ASN A 385 0.01 -16.78 18.48
N ASP A 386 0.13 -15.96 19.52
CA ASP A 386 -1.03 -15.50 20.28
C ASP A 386 -1.48 -14.10 19.86
N PHE A 387 -2.68 -13.71 20.27
CA PHE A 387 -3.20 -12.38 19.98
C PHE A 387 -4.36 -12.01 20.89
N SER A 388 -4.50 -10.71 21.17
CA SER A 388 -5.56 -10.22 22.06
C SER A 388 -6.84 -9.87 21.32
N ILE A 389 -6.70 -9.25 20.16
CA ILE A 389 -7.86 -8.73 19.44
C ILE A 389 -7.90 -9.15 17.98
N LYS A 390 -9.11 -9.38 17.47
CA LYS A 390 -9.29 -9.77 16.09
C LYS A 390 -10.58 -9.17 15.54
N GLN A 391 -10.46 -8.33 14.52
CA GLN A 391 -11.62 -7.68 13.92
C GLN A 391 -11.78 -8.03 12.45
N ASP A 392 -12.95 -8.53 12.09
CA ASP A 392 -13.26 -8.87 10.70
C ASP A 392 -13.49 -7.65 9.83
N ILE A 393 -12.89 -7.68 8.64
CA ILE A 393 -13.04 -6.60 7.67
C ILE A 393 -13.70 -7.11 6.39
N VAL A 394 -13.25 -8.26 5.90
CA VAL A 394 -13.82 -8.88 4.70
C VAL A 394 -13.96 -10.38 4.91
N GLY A 395 -15.12 -10.92 4.55
CA GLY A 395 -15.39 -12.33 4.73
C GLY A 395 -14.38 -13.26 4.11
N ILE A 396 -14.23 -14.44 4.71
CA ILE A 396 -13.33 -15.48 4.19
C ILE A 396 -13.62 -15.85 2.73
N ASN A 397 -14.90 -15.84 2.32
CA ASN A 397 -15.23 -16.25 0.96
C ASN A 397 -15.35 -15.08 -0.03
N GLU A 398 -14.84 -13.92 0.38
CA GLU A 398 -14.91 -12.73 -0.45
C GLU A 398 -13.52 -12.32 -0.93
N TRP A 399 -13.46 -11.71 -2.11
CA TRP A 399 -12.20 -11.28 -2.70
C TRP A 399 -11.59 -10.10 -1.95
N SER A 400 -10.29 -10.15 -1.71
CA SER A 400 -9.56 -9.00 -1.18
C SER A 400 -8.41 -8.65 -2.13
N GLY A 401 -7.24 -8.33 -1.56
CA GLY A 401 -6.09 -7.99 -2.37
C GLY A 401 -5.08 -7.16 -1.62
N TYR A 402 -4.48 -6.18 -2.30
CA TYR A 402 -3.51 -5.30 -1.66
C TYR A 402 -4.14 -4.60 -0.46
N SER A 403 -3.28 -4.15 0.45
CA SER A 403 -3.71 -3.29 1.53
C SER A 403 -2.54 -2.40 1.90
N GLY A 404 -2.82 -1.26 2.52
CA GLY A 404 -1.77 -0.34 2.86
C GLY A 404 -2.22 0.64 3.91
N SER A 405 -1.25 1.30 4.53
CA SER A 405 -1.53 2.25 5.58
C SER A 405 -1.61 3.66 5.03
N PHE A 406 -2.33 4.51 5.73
CA PHE A 406 -2.19 5.95 5.57
C PHE A 406 -2.47 6.62 6.92
N VAL A 407 -1.97 7.82 7.10
CA VAL A 407 -2.13 8.49 8.39
C VAL A 407 -2.84 9.84 8.25
N GLN A 408 -3.46 10.28 9.33
CA GLN A 408 -4.00 11.62 9.39
C GLN A 408 -3.25 12.37 10.49
N HIS A 409 -2.50 13.38 10.09
CA HIS A 409 -1.69 14.14 11.02
C HIS A 409 -2.54 15.05 11.89
N PRO A 410 -2.00 15.44 13.05
CA PRO A 410 -2.61 16.41 13.97
C PRO A 410 -3.10 17.65 13.23
N GLU A 411 -2.35 18.08 12.23
CA GLU A 411 -2.70 19.27 11.45
C GLU A 411 -4.05 19.11 10.76
N LEU A 412 -4.43 17.87 10.47
CA LEU A 412 -5.70 17.58 9.83
C LEU A 412 -6.80 17.28 10.84
N THR A 413 -6.48 16.47 11.85
CA THR A 413 -7.50 15.97 12.78
C THR A 413 -7.73 16.86 14.00
N GLY A 414 -6.69 17.59 14.42
CA GLY A 414 -6.80 18.42 15.61
C GLY A 414 -6.39 17.64 16.85
N LEU A 415 -6.11 16.36 16.66
CA LEU A 415 -5.62 15.51 17.74
C LEU A 415 -4.17 15.83 18.04
N ASP A 416 -3.64 15.27 19.12
CA ASP A 416 -2.24 15.48 19.48
C ASP A 416 -1.40 14.25 19.16
N CYS A 417 -1.85 13.48 18.17
CA CYS A 417 -1.17 12.25 17.80
C CYS A 417 -1.49 11.88 16.35
N ILE A 418 -0.65 11.04 15.75
CA ILE A 418 -0.83 10.65 14.37
C ILE A 418 -1.77 9.44 14.27
N ARG A 419 -2.92 9.63 13.65
CA ARG A 419 -3.89 8.54 13.57
C ARG A 419 -3.57 7.53 12.47
N PRO A 420 -3.56 6.24 12.83
CA PRO A 420 -3.31 5.19 11.82
C PRO A 420 -4.60 4.83 11.10
N CYS A 421 -4.55 4.80 9.77
CA CYS A 421 -5.66 4.32 8.97
C CYS A 421 -5.14 3.25 8.01
N PHE A 422 -6.06 2.56 7.33
CA PHE A 422 -5.65 1.62 6.31
C PHE A 422 -6.73 1.42 5.25
N TRP A 423 -6.31 1.04 4.05
CA TRP A 423 -7.24 0.77 2.96
C TRP A 423 -7.04 -0.65 2.47
N VAL A 424 -8.07 -1.21 1.85
CA VAL A 424 -7.98 -2.55 1.27
C VAL A 424 -8.42 -2.50 -0.18
N GLU A 425 -7.67 -3.15 -1.06
CA GLU A 425 -8.03 -3.26 -2.47
C GLU A 425 -8.80 -4.56 -2.69
N LEU A 426 -10.02 -4.46 -3.20
CA LEU A 426 -10.82 -5.65 -3.48
C LEU A 426 -10.71 -6.01 -4.96
N ILE A 427 -9.86 -6.97 -5.28
CA ILE A 427 -9.56 -7.30 -6.66
C ILE A 427 -10.59 -8.23 -7.30
N ARG A 428 -11.06 -7.84 -8.48
CA ARG A 428 -12.01 -8.65 -9.24
C ARG A 428 -11.50 -8.92 -10.65
N GLY A 429 -11.87 -10.08 -11.19
CA GLY A 429 -11.48 -10.45 -12.55
C GLY A 429 -10.35 -11.44 -12.58
N ARG A 430 -9.46 -11.29 -13.56
CA ARG A 430 -8.31 -12.19 -13.70
C ARG A 430 -7.35 -12.06 -12.53
N PRO A 431 -6.68 -13.16 -12.16
CA PRO A 431 -6.74 -14.45 -12.84
C PRO A 431 -7.81 -15.40 -12.30
N LYS A 432 -8.39 -15.06 -11.16
CA LYS A 432 -9.29 -15.97 -10.44
C LYS A 432 -10.69 -16.11 -11.06
N GLU A 433 -11.08 -15.16 -11.92
CA GLU A 433 -12.43 -15.17 -12.48
C GLU A 433 -12.45 -15.14 -14.00
N ASN A 434 -13.58 -15.55 -14.58
CA ASN A 434 -13.71 -15.68 -16.03
C ASN A 434 -14.02 -14.36 -16.72
N THR A 435 -13.01 -13.51 -16.82
CA THR A 435 -13.17 -12.20 -17.46
C THR A 435 -11.97 -11.90 -18.33
N ILE A 436 -12.08 -10.88 -19.17
CA ILE A 436 -10.97 -10.45 -19.98
C ILE A 436 -10.18 -9.38 -19.25
N TRP A 437 -10.72 -8.92 -18.13
CA TRP A 437 -10.17 -7.76 -17.43
C TRP A 437 -9.83 -8.06 -15.98
N THR A 438 -9.14 -7.11 -15.35
CA THR A 438 -8.82 -7.16 -13.94
C THR A 438 -8.90 -5.75 -13.37
N SER A 439 -9.60 -5.60 -12.25
CA SER A 439 -9.73 -4.31 -11.61
C SER A 439 -10.07 -4.48 -10.14
N GLY A 440 -9.99 -3.40 -9.38
CA GLY A 440 -10.30 -3.44 -7.96
C GLY A 440 -11.09 -2.24 -7.48
N SER A 441 -11.89 -2.45 -6.43
CA SER A 441 -12.53 -1.36 -5.72
C SER A 441 -11.84 -1.22 -4.37
N SER A 442 -12.26 -0.28 -3.54
CA SER A 442 -11.56 -0.08 -2.28
C SER A 442 -12.47 0.17 -1.08
N ILE A 443 -11.99 -0.20 0.11
CA ILE A 443 -12.61 0.17 1.37
C ILE A 443 -11.52 0.76 2.26
N SER A 444 -11.90 1.56 3.25
CA SER A 444 -10.91 2.10 4.18
C SER A 444 -11.46 2.28 5.58
N PHE A 445 -10.55 2.21 6.55
CA PHE A 445 -10.91 2.32 7.96
C PHE A 445 -9.95 3.27 8.66
N CYS A 446 -10.38 3.80 9.80
CA CYS A 446 -9.48 4.58 10.63
C CYS A 446 -9.47 4.04 12.05
N GLY A 447 -8.30 4.09 12.69
CA GLY A 447 -8.14 3.60 14.04
C GLY A 447 -8.80 4.52 15.06
N VAL A 448 -9.68 3.95 15.89
CA VAL A 448 -10.32 4.70 16.96
C VAL A 448 -10.15 4.00 18.30
N ASN A 449 -10.41 4.72 19.39
CA ASN A 449 -10.39 4.12 20.72
C ASN A 449 -11.80 3.90 21.27
N SER A 450 -12.80 4.31 20.51
CA SER A 450 -14.18 4.07 20.86
C SER A 450 -14.65 2.72 20.30
N ASP A 451 -15.91 2.39 20.53
CA ASP A 451 -16.45 1.09 20.13
C ASP A 451 -16.46 0.86 18.63
N THR A 452 -16.17 -0.36 18.22
CA THR A 452 -16.20 -0.75 16.82
C THR A 452 -16.85 -2.12 16.66
N VAL A 453 -16.81 -2.67 15.45
CA VAL A 453 -17.40 -3.98 15.20
C VAL A 453 -16.87 -4.62 13.92
N GLY A 454 -16.80 -5.95 13.92
CA GLY A 454 -16.41 -6.68 12.73
C GLY A 454 -17.59 -6.87 11.80
N TRP A 455 -17.29 -7.15 10.54
CA TRP A 455 -18.31 -7.43 9.54
C TRP A 455 -17.60 -7.78 8.24
N SER A 456 -18.34 -7.78 7.14
CA SER A 456 -17.75 -8.02 5.83
C SER A 456 -18.27 -6.98 4.84
N TRP A 457 -17.36 -6.12 4.36
CA TRP A 457 -17.70 -5.13 3.34
C TRP A 457 -17.01 -5.49 2.03
N PRO A 458 -17.57 -6.45 1.28
CA PRO A 458 -16.93 -6.96 0.06
C PRO A 458 -17.19 -6.07 -1.14
N ASP A 459 -16.68 -6.50 -2.29
CA ASP A 459 -16.83 -5.74 -3.52
C ASP A 459 -18.30 -5.66 -3.94
N GLY A 460 -18.93 -6.82 -4.08
CA GLY A 460 -20.36 -6.89 -4.30
C GLY A 460 -20.79 -6.82 -5.75
N ALA A 461 -19.87 -7.00 -6.68
CA ALA A 461 -20.21 -7.02 -8.08
C ALA A 461 -20.44 -8.45 -8.57
N GLU A 462 -21.30 -8.60 -9.58
CA GLU A 462 -21.53 -9.92 -10.16
C GLU A 462 -20.79 -10.04 -11.49
N LEU A 463 -19.74 -10.86 -11.51
CA LEU A 463 -19.04 -11.15 -12.75
C LEU A 463 -19.56 -12.46 -13.32
N PRO A 464 -19.36 -12.69 -14.63
CA PRO A 464 -18.68 -11.77 -15.56
C PRO A 464 -19.56 -10.59 -15.97
N PHE A 465 -18.94 -9.56 -16.55
CA PHE A 465 -19.69 -8.42 -17.08
C PHE A 465 -20.10 -8.69 -18.52
N THR A 466 -20.90 -7.81 -19.09
CA THR A 466 -21.38 -7.99 -20.46
C THR A 466 -20.23 -8.01 -21.47
N ILE A 467 -19.15 -7.29 -21.16
CA ILE A 467 -17.98 -7.21 -22.03
C ILE A 467 -17.24 -8.55 -22.09
N ASP A 468 -17.52 -9.42 -21.11
CA ASP A 468 -16.83 -10.69 -21.00
C ASP A 468 -17.59 -11.83 -21.71
N LYS A 469 -18.85 -11.58 -22.03
CA LYS A 469 -19.68 -12.59 -22.69
C LYS A 469 -19.28 -12.79 -24.14
#